data_6H11
#
_entry.id   6H11
#
_cell.length_a   71.928
_cell.length_b   71.928
_cell.length_c   151.178
_cell.angle_alpha   90.000
_cell.angle_beta   90.000
_cell.angle_gamma   90.000
#
_symmetry.space_group_name_H-M   'P 43 21 2'
#
loop_
_entity.id
_entity.type
_entity.pdbx_description
1 polymer 'Lysine-specific demethylase 4D'
2 non-polymer 'ZINC ION'
3 non-polymer 'CHLORIDE ION'
4 non-polymer 1,2-ETHANEDIOL
5 non-polymer 'NICKEL (II) ION'
6 non-polymer [[(2~{R})-2-[(4-bromophenyl)carbonylamino]-2-(2~{H}-1,2,3,4-tetrazol-5-yl)ethanoyl]amino]azanium
7 water water
#
_entity_poly.entity_id   1
_entity_poly.type   'polypeptide(L)'
_entity_poly.pdbx_seq_one_letter_code
;METMKSKANCAQNPNCNIMIFHPTKEEFNDFDKYIAYMESQGAHRAGLAKIIPPKEWKARETYDNISEILIATPLQQVAS
GRAGVFTQYHKKKKAMTVGEYRHLANSKKYQTPPHQNFEDLERKYWKNRIYNSPIYGADISGSLFDENTKQWNLGHLGTI
QDLLEKECGVVIEGVNTPYLYFGMWKTTFAWHTEDMDLYSINYLHLGEPKTWYVVPPEHGQRLERLARELFPGSSRGCGA
FLRHKVALISPTVLKENGIPFNRITQEAGEFMVTFPYGYHAGFNHGFNCAEAINFATPRWIDYGKMASQCSCGEARVTFS
MDAFVRILQPERYDLWKRGQDR
;
_entity_poly.pdbx_strand_id   A
#
# COMPACT_ATOMS: atom_id res chain seq x y z
N ALA A 11 -18.72 13.87 16.11
CA ALA A 11 -17.78 12.96 15.44
C ALA A 11 -17.52 13.42 14.01
N GLN A 12 -16.24 13.62 13.69
CA GLN A 12 -15.85 14.06 12.36
C GLN A 12 -15.85 12.92 11.37
N ASN A 13 -16.33 13.20 10.15
CA ASN A 13 -16.39 12.23 9.07
C ASN A 13 -17.07 10.93 9.49
N PRO A 14 -18.30 11.00 10.00
CA PRO A 14 -18.95 9.78 10.51
C PRO A 14 -19.23 8.74 9.44
N ASN A 15 -19.42 9.15 8.18
CA ASN A 15 -19.64 8.17 7.11
C ASN A 15 -18.34 7.57 6.59
N CYS A 16 -17.17 8.00 7.08
CA CYS A 16 -15.89 7.39 6.74
C CYS A 16 -15.54 7.58 5.26
N ASN A 17 -15.85 8.75 4.72
CA ASN A 17 -15.48 9.06 3.35
C ASN A 17 -13.98 9.32 3.23
N ILE A 18 -13.43 9.01 2.05
CA ILE A 18 -12.06 9.37 1.74
C ILE A 18 -11.99 10.88 1.57
N MET A 19 -11.15 11.53 2.35
CA MET A 19 -11.00 12.98 2.29
C MET A 19 -9.76 13.34 1.48
N ILE A 20 -9.85 14.51 0.84
CA ILE A 20 -8.79 15.04 -0.02
C ILE A 20 -8.34 16.36 0.57
N PHE A 21 -7.02 16.53 0.69
CA PHE A 21 -6.46 17.71 1.33
C PHE A 21 -5.57 18.48 0.37
N HIS A 22 -5.62 19.81 0.48
CA HIS A 22 -4.85 20.74 -0.35
C HIS A 22 -4.02 21.66 0.53
N PRO A 23 -2.98 21.14 1.18
CA PRO A 23 -2.17 21.98 2.08
C PRO A 23 -1.47 23.11 1.34
N THR A 24 -1.41 24.26 1.99
CA THR A 24 -0.59 25.36 1.51
C THR A 24 0.89 25.02 1.67
N LYS A 25 1.75 25.84 1.09
CA LYS A 25 3.18 25.60 1.24
C LYS A 25 3.61 25.76 2.69
N GLU A 26 2.92 26.63 3.46
CA GLU A 26 3.23 26.75 4.89
C GLU A 26 2.77 25.52 5.65
N GLU A 27 1.58 25.00 5.33
CA GLU A 27 1.07 23.81 5.99
C GLU A 27 1.86 22.57 5.62
N PHE A 28 2.65 22.63 4.55
CA PHE A 28 3.41 21.48 4.07
C PHE A 28 4.77 21.35 4.74
N ASN A 29 5.09 22.19 5.73
CA ASN A 29 6.40 22.14 6.36
C ASN A 29 6.48 21.03 7.40
N ASP A 30 5.48 20.92 8.26
CA ASP A 30 5.52 20.04 9.42
C ASP A 30 4.66 18.82 9.12
N PHE A 31 5.33 17.72 8.76
CA PHE A 31 4.62 16.50 8.36
C PHE A 31 3.73 15.98 9.48
N ASP A 32 4.29 15.82 10.69
N ASP A 32 4.28 15.85 10.69
CA ASP A 32 3.54 15.28 11.81
CA ASP A 32 3.52 15.27 11.79
C ASP A 32 2.32 16.14 12.11
C ASP A 32 2.33 16.14 12.16
N LYS A 33 2.51 17.46 12.14
CA LYS A 33 1.41 18.38 12.40
C LYS A 33 0.26 18.16 11.42
N TYR A 34 0.58 17.98 10.13
CA TYR A 34 -0.50 17.88 9.15
C TYR A 34 -1.21 16.53 9.23
N ILE A 35 -0.48 15.45 9.51
CA ILE A 35 -1.16 14.18 9.78
C ILE A 35 -2.14 14.38 10.92
N ALA A 36 -1.69 15.04 11.99
CA ALA A 36 -2.57 15.33 13.12
C ALA A 36 -3.77 16.15 12.67
N TYR A 37 -3.53 17.15 11.81
CA TYR A 37 -4.63 17.98 11.35
C TYR A 37 -5.64 17.15 10.58
N MET A 38 -5.16 16.29 9.67
N MET A 38 -5.16 16.31 9.66
CA MET A 38 -6.05 15.46 8.89
CA MET A 38 -6.08 15.48 8.88
C MET A 38 -6.91 14.57 9.77
C MET A 38 -6.94 14.61 9.81
N GLU A 39 -6.33 14.06 10.86
CA GLU A 39 -7.09 13.22 11.78
C GLU A 39 -8.08 14.05 12.62
N SER A 40 -7.74 15.30 12.95
CA SER A 40 -8.70 16.16 13.63
C SER A 40 -9.94 16.36 12.78
N GLN A 41 -9.83 16.23 11.46
CA GLN A 41 -10.96 16.37 10.55
C GLN A 41 -11.63 15.03 10.23
N GLY A 42 -11.18 13.95 10.86
CA GLY A 42 -11.78 12.65 10.67
C GLY A 42 -11.25 11.85 9.50
N ALA A 43 -10.13 12.27 8.92
CA ALA A 43 -9.62 11.59 7.72
C ALA A 43 -9.36 10.11 7.97
N HIS A 44 -8.81 9.77 9.15
CA HIS A 44 -8.43 8.39 9.41
C HIS A 44 -9.60 7.42 9.39
N ARG A 45 -10.82 7.92 9.60
CA ARG A 45 -11.97 7.01 9.64
C ARG A 45 -12.18 6.29 8.31
N ALA A 46 -11.74 6.88 7.20
CA ALA A 46 -11.84 6.19 5.91
C ALA A 46 -10.76 5.12 5.73
N GLY A 47 -9.64 5.24 6.44
CA GLY A 47 -8.50 4.37 6.24
C GLY A 47 -7.51 4.85 5.20
N LEU A 48 -7.88 5.87 4.43
CA LEU A 48 -7.08 6.35 3.30
C LEU A 48 -7.43 7.81 3.07
N ALA A 49 -6.42 8.65 2.84
CA ALA A 49 -6.62 10.05 2.45
C ALA A 49 -5.71 10.38 1.29
N LYS A 50 -6.15 11.33 0.46
CA LYS A 50 -5.33 11.89 -0.61
C LYS A 50 -4.83 13.26 -0.18
N ILE A 51 -3.56 13.54 -0.47
CA ILE A 51 -2.95 14.83 -0.23
C ILE A 51 -2.37 15.37 -1.54
N ILE A 52 -2.89 16.50 -1.99
CA ILE A 52 -2.40 17.15 -3.19
CA ILE A 52 -2.42 17.18 -3.19
C ILE A 52 -1.39 18.22 -2.75
N PRO A 53 -0.12 18.10 -3.19
CA PRO A 53 0.90 19.06 -2.70
CA PRO A 53 0.89 19.06 -2.70
C PRO A 53 0.62 20.46 -3.23
N PRO A 54 1.11 21.49 -2.54
CA PRO A 54 0.94 22.85 -3.06
C PRO A 54 1.66 23.02 -4.38
N LYS A 55 1.19 23.98 -5.17
CA LYS A 55 1.72 24.19 -6.50
C LYS A 55 3.19 24.59 -6.48
N GLU A 56 3.69 25.11 -5.36
CA GLU A 56 5.09 25.51 -5.28
C GLU A 56 6.04 24.32 -5.12
N TRP A 57 5.51 23.10 -4.97
CA TRP A 57 6.28 21.94 -4.57
C TRP A 57 6.62 21.03 -5.75
N LYS A 58 7.80 20.40 -5.68
CA LYS A 58 8.19 19.37 -6.65
C LYS A 58 9.04 18.33 -5.93
N ALA A 59 8.83 17.06 -6.28
CA ALA A 59 9.57 15.99 -5.65
C ALA A 59 11.02 15.94 -6.14
N ARG A 60 11.23 16.18 -7.43
CA ARG A 60 12.56 16.29 -8.01
C ARG A 60 12.42 17.04 -9.32
N GLU A 61 13.57 17.42 -9.88
CA GLU A 61 13.57 18.26 -11.07
C GLU A 61 13.00 17.52 -12.28
N THR A 62 13.55 16.35 -12.60
N THR A 62 13.45 16.28 -12.50
CA THR A 62 13.01 15.55 -13.69
CA THR A 62 13.17 15.56 -13.73
C THR A 62 13.09 14.07 -13.35
C THR A 62 13.29 14.06 -13.48
N TYR A 63 12.48 13.28 -14.23
CA TYR A 63 12.55 11.83 -14.19
C TYR A 63 13.25 11.27 -15.42
N ASP A 64 14.15 12.06 -16.01
CA ASP A 64 14.84 11.71 -17.25
C ASP A 64 15.94 10.68 -17.07
N ASN A 65 16.37 10.42 -15.84
CA ASN A 65 17.61 9.69 -15.60
C ASN A 65 17.40 8.46 -14.72
N ILE A 66 16.20 7.88 -14.76
CA ILE A 66 15.88 6.74 -13.91
C ILE A 66 15.92 5.40 -14.65
N SER A 67 16.19 5.41 -15.96
CA SER A 67 16.11 4.18 -16.74
CA SER A 67 16.11 4.19 -16.74
C SER A 67 17.11 3.12 -16.29
N GLU A 68 18.19 3.52 -15.63
CA GLU A 68 19.24 2.58 -15.26
C GLU A 68 19.01 1.90 -13.91
N ILE A 69 17.97 2.30 -13.17
CA ILE A 69 17.62 1.59 -11.95
C ILE A 69 17.34 0.13 -12.28
N LEU A 70 17.76 -0.77 -11.39
CA LEU A 70 17.61 -2.19 -11.62
C LEU A 70 16.44 -2.72 -10.81
N ILE A 71 15.54 -3.43 -11.48
CA ILE A 71 14.53 -4.25 -10.84
C ILE A 71 15.13 -5.65 -10.76
N ALA A 72 15.74 -5.97 -9.62
CA ALA A 72 16.49 -7.22 -9.50
C ALA A 72 15.61 -8.44 -9.67
N THR A 73 14.36 -8.36 -9.22
CA THR A 73 13.45 -9.51 -9.22
C THR A 73 12.05 -9.07 -9.61
N PRO A 74 11.80 -8.86 -10.89
CA PRO A 74 10.44 -8.58 -11.34
C PRO A 74 9.55 -9.78 -11.03
N LEU A 75 8.28 -9.49 -10.74
CA LEU A 75 7.34 -10.49 -10.26
C LEU A 75 6.16 -10.57 -11.22
N GLN A 76 5.94 -11.76 -11.77
CA GLN A 76 4.79 -12.01 -12.63
CA GLN A 76 4.79 -12.01 -12.63
C GLN A 76 3.62 -12.48 -11.76
N GLN A 77 2.51 -11.74 -11.80
CA GLN A 77 1.39 -11.96 -10.89
C GLN A 77 0.37 -12.86 -11.56
N VAL A 78 0.45 -14.15 -11.25
CA VAL A 78 -0.41 -15.18 -11.84
C VAL A 78 -1.62 -15.39 -10.92
N ALA A 79 -2.81 -15.37 -11.51
CA ALA A 79 -4.04 -15.41 -10.73
C ALA A 79 -4.70 -16.78 -10.78
N SER A 80 -5.39 -17.12 -9.70
N SER A 80 -5.51 -17.05 -9.76
CA SER A 80 -6.24 -18.31 -9.68
CA SER A 80 -6.18 -18.34 -9.57
C SER A 80 -7.54 -17.94 -8.99
C SER A 80 -7.52 -18.10 -8.88
N GLY A 81 -8.63 -18.52 -9.48
CA GLY A 81 -9.95 -18.31 -8.90
C GLY A 81 -11.00 -17.84 -9.87
N ARG A 82 -11.91 -16.97 -9.41
CA ARG A 82 -12.88 -16.35 -10.30
CA ARG A 82 -12.94 -16.32 -10.22
C ARG A 82 -12.58 -14.87 -10.44
N ALA A 83 -13.30 -14.22 -11.37
CA ALA A 83 -12.95 -12.85 -11.76
C ALA A 83 -12.99 -11.88 -10.57
N GLY A 84 -13.93 -12.07 -9.65
CA GLY A 84 -14.06 -11.19 -8.50
C GLY A 84 -13.55 -11.73 -7.20
N VAL A 85 -13.08 -12.99 -7.16
CA VAL A 85 -12.56 -13.61 -5.96
C VAL A 85 -11.41 -14.51 -6.39
N PHE A 86 -10.18 -14.07 -6.14
CA PHE A 86 -9.03 -14.78 -6.69
C PHE A 86 -7.81 -14.49 -5.84
N THR A 87 -6.85 -15.42 -5.91
CA THR A 87 -5.55 -15.23 -5.33
C THR A 87 -4.54 -15.02 -6.45
N GLN A 88 -3.40 -14.44 -6.09
CA GLN A 88 -2.30 -14.32 -7.03
C GLN A 88 -1.01 -14.75 -6.36
N TYR A 89 -0.15 -15.41 -7.11
CA TYR A 89 1.17 -15.74 -6.63
C TYR A 89 2.19 -15.07 -7.54
N HIS A 90 3.38 -14.87 -7.00
CA HIS A 90 4.43 -14.10 -7.64
C HIS A 90 5.49 -15.03 -8.18
N LYS A 91 5.63 -15.05 -9.51
CA LYS A 91 6.63 -15.85 -10.20
C LYS A 91 7.83 -14.95 -10.47
N LYS A 92 9.01 -15.35 -9.99
CA LYS A 92 10.20 -14.53 -10.17
C LYS A 92 10.71 -14.61 -11.60
N LYS A 93 11.08 -13.45 -12.15
CA LYS A 93 11.61 -13.32 -13.50
C LYS A 93 13.03 -12.79 -13.42
N LYS A 94 13.76 -12.90 -14.54
CA LYS A 94 15.12 -12.38 -14.60
C LYS A 94 15.10 -10.85 -14.39
N ALA A 95 16.21 -10.33 -13.87
CA ALA A 95 16.31 -8.91 -13.58
C ALA A 95 16.17 -8.08 -14.87
N MET A 96 15.68 -6.87 -14.72
N MET A 96 15.61 -6.89 -14.71
CA MET A 96 15.62 -5.95 -15.84
CA MET A 96 15.49 -5.91 -15.78
C MET A 96 15.67 -4.52 -15.32
C MET A 96 15.87 -4.53 -15.25
N THR A 97 16.16 -3.62 -16.16
CA THR A 97 16.25 -2.21 -15.80
C THR A 97 14.87 -1.58 -15.91
N VAL A 98 14.73 -0.41 -15.28
CA VAL A 98 13.48 0.34 -15.39
C VAL A 98 13.20 0.68 -16.85
N GLY A 99 14.23 1.01 -17.63
CA GLY A 99 14.02 1.28 -19.04
C GLY A 99 13.47 0.09 -19.79
N GLU A 100 14.01 -1.09 -19.49
CA GLU A 100 13.49 -2.31 -20.11
C GLU A 100 12.07 -2.61 -19.63
N TYR A 101 11.81 -2.36 -18.35
CA TYR A 101 10.47 -2.59 -17.80
C TYR A 101 9.45 -1.65 -18.44
N ARG A 102 9.83 -0.38 -18.63
CA ARG A 102 8.92 0.58 -19.23
C ARG A 102 8.56 0.16 -20.66
N HIS A 103 9.56 -0.28 -21.43
CA HIS A 103 9.30 -0.75 -22.78
C HIS A 103 8.42 -1.99 -22.78
N LEU A 104 8.62 -2.89 -21.81
CA LEU A 104 7.77 -4.07 -21.70
C LEU A 104 6.33 -3.66 -21.39
N ALA A 105 6.16 -2.72 -20.45
CA ALA A 105 4.81 -2.31 -20.06
C ALA A 105 4.05 -1.70 -21.23
N ASN A 106 4.75 -1.01 -22.13
CA ASN A 106 4.11 -0.35 -23.25
C ASN A 106 3.97 -1.24 -24.47
N SER A 107 4.43 -2.50 -24.40
CA SER A 107 4.29 -3.41 -25.51
C SER A 107 2.83 -3.84 -25.67
N LYS A 108 2.52 -4.41 -26.84
CA LYS A 108 1.12 -4.76 -27.11
CA LYS A 108 1.15 -4.83 -27.16
C LYS A 108 0.60 -5.77 -26.10
N LYS A 109 1.43 -6.67 -25.60
CA LYS A 109 0.97 -7.69 -24.67
C LYS A 109 0.54 -7.09 -23.34
N TYR A 110 1.13 -5.98 -22.92
CA TYR A 110 0.90 -5.46 -21.57
C TYR A 110 0.34 -4.04 -21.52
N GLN A 111 0.19 -3.35 -22.64
CA GLN A 111 -0.19 -1.95 -22.60
CA GLN A 111 -0.19 -1.95 -22.58
C GLN A 111 -1.66 -1.79 -22.20
N THR A 112 -1.96 -0.67 -21.55
CA THR A 112 -3.32 -0.31 -21.20
C THR A 112 -4.22 -0.34 -22.45
N PRO A 113 -5.41 -0.91 -22.36
CA PRO A 113 -6.32 -0.90 -23.51
C PRO A 113 -7.00 0.45 -23.66
N PRO A 114 -7.51 0.77 -24.85
CA PRO A 114 -8.36 1.95 -24.99
C PRO A 114 -9.49 1.96 -23.96
N HIS A 115 -9.82 3.14 -23.46
CA HIS A 115 -10.88 3.27 -22.47
C HIS A 115 -11.28 4.73 -22.40
N GLN A 116 -12.52 4.95 -21.93
CA GLN A 116 -13.12 6.27 -21.98
C GLN A 116 -12.96 7.07 -20.69
N ASN A 117 -12.69 6.41 -19.56
CA ASN A 117 -12.58 7.08 -18.26
C ASN A 117 -12.12 6.03 -17.25
N PHE A 118 -11.89 6.48 -16.01
CA PHE A 118 -11.41 5.56 -14.98
C PHE A 118 -12.43 4.45 -14.71
N GLU A 119 -13.72 4.78 -14.72
CA GLU A 119 -14.76 3.79 -14.46
CA GLU A 119 -14.72 3.76 -14.43
C GLU A 119 -14.75 2.68 -15.51
N ASP A 120 -14.62 3.07 -16.77
CA ASP A 120 -14.52 2.08 -17.84
C ASP A 120 -13.32 1.17 -17.63
N LEU A 121 -12.17 1.75 -17.27
CA LEU A 121 -10.97 0.94 -17.07
C LEU A 121 -11.14 0.02 -15.86
N GLU A 122 -11.75 0.52 -14.79
CA GLU A 122 -12.03 -0.30 -13.63
C GLU A 122 -12.87 -1.52 -14.01
N ARG A 123 -13.90 -1.33 -14.83
CA ARG A 123 -14.73 -2.45 -15.27
CA ARG A 123 -14.72 -2.46 -15.24
C ARG A 123 -13.89 -3.46 -16.04
N LYS A 124 -13.04 -2.98 -16.95
CA LYS A 124 -12.17 -3.87 -17.70
C LYS A 124 -11.23 -4.63 -16.77
N TYR A 125 -10.69 -3.94 -15.76
CA TYR A 125 -9.78 -4.60 -14.83
C TYR A 125 -10.45 -5.80 -14.18
N TRP A 126 -11.60 -5.59 -13.53
CA TRP A 126 -12.21 -6.68 -12.77
C TRP A 126 -12.80 -7.74 -13.67
N LYS A 127 -13.11 -7.38 -14.92
CA LYS A 127 -13.62 -8.37 -15.86
C LYS A 127 -12.52 -9.29 -16.36
N ASN A 128 -11.31 -8.75 -16.58
CA ASN A 128 -10.28 -9.45 -17.34
C ASN A 128 -8.99 -9.72 -16.59
N ARG A 129 -8.82 -9.19 -15.36
CA ARG A 129 -7.55 -9.32 -14.65
C ARG A 129 -7.05 -10.77 -14.62
N ILE A 130 -7.92 -11.73 -14.28
CA ILE A 130 -7.40 -13.05 -13.97
C ILE A 130 -6.85 -13.76 -15.19
N TYR A 131 -7.18 -13.29 -16.39
CA TYR A 131 -6.78 -13.94 -17.62
C TYR A 131 -5.44 -13.43 -18.15
N ASN A 132 -4.77 -12.58 -17.39
CA ASN A 132 -3.44 -12.09 -17.74
C ASN A 132 -2.55 -12.19 -16.52
N SER A 133 -1.26 -11.98 -16.73
N SER A 133 -1.26 -11.97 -16.73
CA SER A 133 -0.29 -12.02 -15.64
CA SER A 133 -0.29 -12.01 -15.65
C SER A 133 0.72 -10.90 -15.79
C SER A 133 0.71 -10.88 -15.82
N PRO A 134 0.40 -9.70 -15.29
CA PRO A 134 1.30 -8.57 -15.45
C PRO A 134 2.53 -8.73 -14.56
N ILE A 135 3.54 -7.92 -14.88
CA ILE A 135 4.84 -8.01 -14.22
C ILE A 135 5.06 -6.75 -13.40
N TYR A 136 5.41 -6.97 -12.13
CA TYR A 136 5.48 -5.92 -11.12
C TYR A 136 6.85 -5.81 -10.47
N GLY A 137 7.31 -4.58 -10.30
CA GLY A 137 8.52 -4.32 -9.54
C GLY A 137 8.17 -3.74 -8.20
N ALA A 138 8.58 -4.39 -7.10
CA ALA A 138 8.08 -4.01 -5.80
C ALA A 138 9.14 -4.09 -4.71
N ASP A 139 8.93 -3.27 -3.67
CA ASP A 139 9.74 -3.30 -2.45
C ASP A 139 11.22 -3.13 -2.77
N ILE A 140 11.51 -2.24 -3.70
CA ILE A 140 12.88 -1.92 -4.12
C ILE A 140 13.39 -0.80 -3.23
N SER A 141 14.34 -1.11 -2.35
N SER A 141 14.35 -1.10 -2.36
CA SER A 141 14.89 -0.08 -1.46
CA SER A 141 14.90 -0.09 -1.46
C SER A 141 15.48 1.06 -2.27
C SER A 141 15.50 1.06 -2.26
N GLY A 142 15.05 2.28 -1.97
CA GLY A 142 15.54 3.44 -2.68
C GLY A 142 14.57 4.59 -2.60
N SER A 143 14.99 5.72 -3.20
CA SER A 143 14.20 6.93 -3.22
C SER A 143 14.48 7.72 -4.48
N LEU A 144 13.44 8.39 -4.97
CA LEU A 144 13.57 9.32 -6.09
C LEU A 144 13.36 10.76 -5.69
N PHE A 145 13.23 11.05 -4.39
CA PHE A 145 13.13 12.44 -3.95
C PHE A 145 14.51 13.09 -4.00
N ASP A 146 14.55 14.31 -4.54
CA ASP A 146 15.76 15.12 -4.51
C ASP A 146 16.12 15.42 -3.06
N GLU A 147 17.42 15.35 -2.74
CA GLU A 147 17.83 15.65 -1.37
C GLU A 147 17.46 17.08 -0.99
N ASN A 148 17.36 17.98 -1.98
CA ASN A 148 16.98 19.37 -1.73
C ASN A 148 15.49 19.54 -1.47
N THR A 149 14.69 18.48 -1.60
CA THR A 149 13.26 18.57 -1.28
C THR A 149 13.08 18.36 0.21
N LYS A 150 12.68 19.43 0.91
CA LYS A 150 12.61 19.41 2.37
C LYS A 150 11.21 19.10 2.89
N GLN A 151 10.18 19.23 2.07
CA GLN A 151 8.80 19.00 2.47
C GLN A 151 8.34 17.64 1.94
N TRP A 152 7.82 16.80 2.84
CA TRP A 152 7.19 15.54 2.45
C TRP A 152 8.13 14.69 1.59
N ASN A 153 9.41 14.69 1.96
CA ASN A 153 10.41 13.80 1.37
C ASN A 153 10.36 12.49 2.12
N LEU A 154 9.94 11.42 1.44
CA LEU A 154 9.68 10.15 2.13
C LEU A 154 10.94 9.48 2.64
N GLY A 155 12.11 9.97 2.25
CA GLY A 155 13.36 9.53 2.83
C GLY A 155 13.79 10.27 4.06
N HIS A 156 13.01 11.26 4.52
CA HIS A 156 13.41 12.12 5.63
C HIS A 156 12.32 12.27 6.69
N LEU A 157 11.37 11.32 6.75
CA LEU A 157 10.41 11.33 7.84
C LEU A 157 11.06 10.82 9.12
N GLY A 158 10.41 11.11 10.25
CA GLY A 158 10.84 10.50 11.50
C GLY A 158 10.65 9.00 11.45
N THR A 159 11.65 8.28 11.93
CA THR A 159 11.59 6.83 11.88
C THR A 159 10.66 6.28 12.96
N ILE A 160 10.16 5.07 12.69
CA ILE A 160 9.30 4.39 13.64
CA ILE A 160 9.30 4.39 13.64
C ILE A 160 10.07 4.05 14.91
N GLN A 161 11.36 3.72 14.77
CA GLN A 161 12.17 3.41 15.94
C GLN A 161 12.26 4.61 16.88
N ASP A 162 12.43 5.81 16.33
CA ASP A 162 12.49 7.00 17.16
C ASP A 162 11.13 7.30 17.79
N LEU A 163 10.05 7.02 17.07
CA LEU A 163 8.71 7.27 17.61
C LEU A 163 8.46 6.39 18.83
N LEU A 164 8.76 5.10 18.73
CA LEU A 164 8.58 4.20 19.87
CA LEU A 164 8.58 4.22 19.87
C LEU A 164 9.45 4.64 21.03
N GLU A 165 10.67 5.10 20.76
CA GLU A 165 11.54 5.59 21.82
C GLU A 165 10.91 6.81 22.49
N LYS A 166 10.42 7.76 21.69
CA LYS A 166 9.80 8.96 22.25
C LYS A 166 8.60 8.61 23.10
N GLU A 167 7.78 7.66 22.64
CA GLU A 167 6.53 7.35 23.33
C GLU A 167 6.73 6.43 24.51
N CYS A 168 7.55 5.39 24.36
CA CYS A 168 7.64 4.33 25.34
C CYS A 168 8.98 4.30 26.08
N GLY A 169 9.96 5.10 25.67
CA GLY A 169 11.16 5.29 26.46
C GLY A 169 12.22 4.24 26.25
N VAL A 170 12.21 3.58 25.10
CA VAL A 170 12.94 2.34 24.87
C VAL A 170 13.69 2.51 23.55
N VAL A 171 15.01 2.35 23.60
CA VAL A 171 15.81 2.37 22.38
C VAL A 171 15.74 0.99 21.76
N ILE A 172 15.50 0.91 20.45
CA ILE A 172 15.54 -0.37 19.76
C ILE A 172 16.32 -0.24 18.46
N GLU A 173 16.84 -1.38 18.02
CA GLU A 173 17.54 -1.49 16.76
C GLU A 173 16.56 -1.33 15.60
N GLY A 174 17.12 -1.15 14.42
CA GLY A 174 16.33 -1.13 13.21
C GLY A 174 16.33 0.20 12.48
N VAL A 175 16.07 0.13 11.17
CA VAL A 175 15.98 1.32 10.33
C VAL A 175 14.63 1.33 9.64
N ASN A 176 14.40 2.38 8.85
CA ASN A 176 13.05 2.68 8.36
C ASN A 176 13.27 3.49 7.08
N THR A 177 13.41 2.80 5.95
CA THR A 177 13.76 3.44 4.69
C THR A 177 12.72 3.18 3.61
N PRO A 178 12.65 4.05 2.59
CA PRO A 178 11.56 3.96 1.61
C PRO A 178 11.80 2.89 0.54
N TYR A 179 10.74 2.61 -0.19
CA TYR A 179 10.73 1.59 -1.24
C TYR A 179 10.13 2.16 -2.52
N LEU A 180 10.62 1.65 -3.64
CA LEU A 180 10.14 2.00 -4.96
C LEU A 180 9.33 0.86 -5.54
N TYR A 181 8.36 1.22 -6.36
CA TYR A 181 7.44 0.29 -6.99
C TYR A 181 7.32 0.68 -8.46
N PHE A 182 7.43 -0.31 -9.34
CA PHE A 182 7.23 -0.09 -10.77
C PHE A 182 6.07 -0.96 -11.22
N GLY A 183 5.07 -0.34 -11.82
CA GLY A 183 3.84 -1.02 -12.17
C GLY A 183 3.50 -0.89 -13.63
N MET A 184 2.60 -1.76 -14.09
CA MET A 184 2.04 -1.69 -15.43
C MET A 184 0.56 -1.98 -15.30
N TRP A 185 -0.16 -1.92 -16.42
CA TRP A 185 -1.58 -2.24 -16.43
C TRP A 185 -1.83 -3.59 -15.79
N LYS A 186 -2.81 -3.61 -14.88
CA LYS A 186 -3.32 -4.78 -14.16
C LYS A 186 -2.40 -5.23 -13.02
N THR A 187 -1.22 -4.65 -12.83
CA THR A 187 -0.46 -5.00 -11.63
C THR A 187 -1.32 -4.69 -10.41
N THR A 188 -1.28 -5.58 -9.43
CA THR A 188 -2.31 -5.69 -8.41
C THR A 188 -1.66 -5.75 -7.04
N PHE A 189 -2.20 -4.99 -6.08
CA PHE A 189 -1.85 -5.22 -4.68
C PHE A 189 -3.07 -5.73 -3.93
N ALA A 190 -2.90 -6.89 -3.29
CA ALA A 190 -3.96 -7.62 -2.63
C ALA A 190 -4.38 -6.90 -1.35
N TRP A 191 -5.52 -7.34 -0.81
CA TRP A 191 -6.05 -6.74 0.40
C TRP A 191 -5.10 -6.92 1.57
N HIS A 192 -4.76 -5.83 2.25
CA HIS A 192 -3.86 -5.93 3.39
C HIS A 192 -3.96 -4.69 4.25
N THR A 193 -3.51 -4.83 5.49
CA THR A 193 -3.06 -3.70 6.28
C THR A 193 -1.55 -3.73 6.31
N GLU A 194 -0.94 -2.65 6.80
CA GLU A 194 0.51 -2.58 6.86
C GLU A 194 1.04 -3.46 7.99
N ASP A 195 2.33 -3.82 7.88
CA ASP A 195 2.99 -4.53 8.96
C ASP A 195 2.74 -3.82 10.28
N MET A 196 2.39 -4.58 11.31
CA MET A 196 2.09 -4.02 12.65
C MET A 196 1.00 -2.95 12.59
N ASP A 197 0.19 -2.98 11.53
CA ASP A 197 -0.89 -2.01 11.31
C ASP A 197 -0.38 -0.57 11.38
N LEU A 198 0.82 -0.37 10.85
CA LEU A 198 1.41 0.95 10.75
C LEU A 198 0.65 1.82 9.74
N TYR A 199 0.95 3.12 9.76
CA TYR A 199 0.58 3.98 8.65
C TYR A 199 1.46 3.67 7.44
N SER A 200 1.01 4.10 6.26
N SER A 200 1.02 4.13 6.27
CA SER A 200 1.87 4.18 5.10
CA SER A 200 1.90 4.19 5.11
C SER A 200 1.60 5.49 4.37
C SER A 200 1.57 5.43 4.31
N ILE A 201 2.58 5.93 3.58
CA ILE A 201 2.41 7.08 2.70
C ILE A 201 3.04 6.69 1.37
N ASN A 202 2.32 6.97 0.29
CA ASN A 202 2.66 6.59 -1.06
C ASN A 202 2.59 7.79 -1.99
N TYR A 203 3.70 8.02 -2.66
CA TYR A 203 3.79 9.10 -3.64
C TYR A 203 3.90 8.49 -5.03
N LEU A 204 3.02 8.92 -5.94
CA LEU A 204 3.06 8.48 -7.34
C LEU A 204 3.95 9.46 -8.09
N HIS A 205 5.19 9.04 -8.36
CA HIS A 205 6.18 9.91 -8.98
C HIS A 205 5.85 10.22 -10.43
N LEU A 206 5.41 9.22 -11.18
CA LEU A 206 5.48 9.25 -12.63
C LEU A 206 4.50 8.24 -13.21
N GLY A 207 3.85 8.61 -14.31
CA GLY A 207 3.14 7.64 -15.10
C GLY A 207 1.64 7.62 -14.88
N GLU A 208 1.04 6.46 -15.12
CA GLU A 208 -0.41 6.32 -15.13
C GLU A 208 -0.93 6.09 -13.72
N PRO A 209 -2.24 6.23 -13.52
CA PRO A 209 -2.78 6.25 -12.16
C PRO A 209 -2.76 4.90 -11.47
N LYS A 210 -3.12 4.95 -10.19
CA LYS A 210 -3.34 3.78 -9.36
C LYS A 210 -4.70 3.94 -8.69
N THR A 211 -5.56 2.94 -8.84
CA THR A 211 -6.87 2.95 -8.19
C THR A 211 -6.79 2.17 -6.88
N TRP A 212 -7.30 2.78 -5.81
CA TRP A 212 -7.29 2.21 -4.47
C TRP A 212 -8.69 1.85 -4.02
N TYR A 213 -8.81 0.76 -3.27
CA TYR A 213 -9.98 0.42 -2.49
C TYR A 213 -9.58 0.34 -1.02
N VAL A 214 -10.48 0.75 -0.12
CA VAL A 214 -10.14 0.80 1.30
C VAL A 214 -11.38 0.57 2.16
N VAL A 215 -11.18 -0.19 3.23
CA VAL A 215 -12.22 -0.45 4.23
C VAL A 215 -11.93 0.40 5.47
N PRO A 216 -12.91 1.11 6.02
CA PRO A 216 -12.67 1.90 7.24
C PRO A 216 -12.09 1.03 8.35
N PRO A 217 -11.10 1.52 9.08
CA PRO A 217 -10.54 0.70 10.19
C PRO A 217 -11.59 0.16 11.15
N GLU A 218 -12.65 0.92 11.45
CA GLU A 218 -13.65 0.44 12.39
C GLU A 218 -14.44 -0.74 11.83
N HIS A 219 -14.30 -1.05 10.55
CA HIS A 219 -14.99 -2.17 9.93
C HIS A 219 -14.05 -3.23 9.37
N GLY A 220 -12.77 -3.20 9.73
CA GLY A 220 -11.83 -4.15 9.15
C GLY A 220 -12.18 -5.59 9.44
N GLN A 221 -12.74 -5.84 10.63
N GLN A 221 -12.74 -5.85 10.63
CA GLN A 221 -13.11 -7.21 11.00
CA GLN A 221 -13.09 -7.23 10.97
C GLN A 221 -14.17 -7.77 10.07
C GLN A 221 -14.17 -7.77 10.05
N ARG A 222 -15.02 -6.91 9.49
CA ARG A 222 -16.01 -7.36 8.52
C ARG A 222 -15.34 -7.92 7.27
N LEU A 223 -14.29 -7.25 6.80
CA LEU A 223 -13.56 -7.78 5.65
C LEU A 223 -12.87 -9.09 5.99
N GLU A 224 -12.27 -9.18 7.18
CA GLU A 224 -11.61 -10.41 7.58
C GLU A 224 -12.60 -11.58 7.55
N ARG A 225 -13.82 -11.36 8.05
CA ARG A 225 -14.80 -12.44 8.08
CA ARG A 225 -14.81 -12.43 8.09
C ARG A 225 -15.19 -12.88 6.68
N LEU A 226 -15.39 -11.93 5.77
CA LEU A 226 -15.72 -12.29 4.40
C LEU A 226 -14.56 -13.02 3.75
N ALA A 227 -13.33 -12.59 4.02
CA ALA A 227 -12.17 -13.27 3.45
C ALA A 227 -12.09 -14.72 3.92
N ARG A 228 -12.36 -14.97 5.20
CA ARG A 228 -12.36 -16.34 5.70
CA ARG A 228 -12.34 -16.34 5.68
C ARG A 228 -13.39 -17.18 4.96
N GLU A 229 -14.57 -16.60 4.70
CA GLU A 229 -15.61 -17.33 3.99
C GLU A 229 -15.22 -17.61 2.54
N LEU A 230 -14.56 -16.65 1.89
CA LEU A 230 -14.28 -16.75 0.46
C LEU A 230 -13.00 -17.52 0.15
N PHE A 231 -12.11 -17.68 1.13
CA PHE A 231 -10.85 -18.39 0.94
C PHE A 231 -10.71 -19.38 2.09
N PRO A 232 -11.56 -20.41 2.11
CA PRO A 232 -11.66 -21.23 3.34
C PRO A 232 -10.43 -22.07 3.61
N GLY A 233 -9.79 -22.63 2.57
CA GLY A 233 -8.56 -23.37 2.79
C GLY A 233 -7.45 -22.47 3.33
N SER A 234 -7.35 -21.26 2.77
CA SER A 234 -6.33 -20.32 3.23
C SER A 234 -6.52 -19.97 4.69
N SER A 235 -7.78 -19.74 5.10
CA SER A 235 -8.05 -19.36 6.47
C SER A 235 -7.75 -20.49 7.45
N ARG A 236 -7.95 -21.75 7.03
CA ARG A 236 -7.61 -22.86 7.89
C ARG A 236 -6.11 -22.98 8.11
N GLY A 237 -5.31 -22.57 7.11
CA GLY A 237 -3.88 -22.65 7.24
C GLY A 237 -3.25 -21.56 8.08
N CYS A 238 -3.93 -20.43 8.23
CA CYS A 238 -3.34 -19.31 8.97
C CYS A 238 -4.44 -18.39 9.48
N GLY A 239 -4.39 -18.08 10.78
CA GLY A 239 -5.35 -17.20 11.39
C GLY A 239 -5.27 -15.75 10.95
N ALA A 240 -4.28 -15.39 10.13
CA ALA A 240 -4.09 -14.03 9.66
C ALA A 240 -3.59 -14.06 8.23
N PHE A 241 -4.24 -14.86 7.39
CA PHE A 241 -3.74 -15.12 6.04
C PHE A 241 -3.78 -13.90 5.15
N LEU A 242 -4.54 -12.86 5.52
CA LEU A 242 -4.46 -11.63 4.73
C LEU A 242 -3.08 -11.01 4.84
N ARG A 243 -2.34 -11.31 5.92
CA ARG A 243 -0.93 -10.94 6.01
C ARG A 243 -0.10 -11.54 4.88
N HIS A 244 -0.59 -12.60 4.22
CA HIS A 244 0.12 -13.17 3.09
C HIS A 244 0.06 -12.27 1.86
N LYS A 245 -0.92 -11.37 1.79
CA LYS A 245 -1.06 -10.42 0.69
C LYS A 245 -1.17 -11.11 -0.67
N VAL A 246 -2.14 -12.03 -0.76
CA VAL A 246 -2.40 -12.76 -2.01
C VAL A 246 -3.87 -12.77 -2.40
N ALA A 247 -4.77 -12.22 -1.58
CA ALA A 247 -6.20 -12.39 -1.79
C ALA A 247 -6.83 -11.12 -2.36
N LEU A 248 -7.61 -11.27 -3.43
CA LEU A 248 -8.34 -10.17 -4.03
C LEU A 248 -9.84 -10.44 -3.98
N ILE A 249 -10.60 -9.40 -3.64
CA ILE A 249 -12.05 -9.41 -3.65
C ILE A 249 -12.50 -8.12 -4.35
N SER A 250 -13.39 -8.26 -5.33
CA SER A 250 -13.79 -7.14 -6.14
C SER A 250 -14.77 -6.22 -5.41
N PRO A 251 -14.89 -4.97 -5.85
CA PRO A 251 -15.91 -4.09 -5.27
C PRO A 251 -17.33 -4.62 -5.42
N THR A 252 -17.64 -5.32 -6.52
CA THR A 252 -18.96 -5.92 -6.66
C THR A 252 -19.23 -6.92 -5.55
N VAL A 253 -18.26 -7.81 -5.30
CA VAL A 253 -18.46 -8.83 -4.28
C VAL A 253 -18.53 -8.21 -2.90
N LEU A 254 -17.73 -7.16 -2.65
CA LEU A 254 -17.84 -6.44 -1.39
C LEU A 254 -19.23 -5.85 -1.21
N LYS A 255 -19.75 -5.17 -2.24
CA LYS A 255 -21.09 -4.60 -2.15
C LYS A 255 -22.13 -5.70 -1.94
N GLU A 256 -21.98 -6.81 -2.66
CA GLU A 256 -22.91 -7.93 -2.50
C GLU A 256 -23.00 -8.40 -1.06
N ASN A 257 -21.89 -8.32 -0.33
CA ASN A 257 -21.80 -8.82 1.03
C ASN A 257 -21.90 -7.72 2.07
N GLY A 258 -22.28 -6.51 1.66
CA GLY A 258 -22.48 -5.41 2.58
C GLY A 258 -21.24 -4.91 3.27
N ILE A 259 -20.06 -5.08 2.67
CA ILE A 259 -18.83 -4.64 3.32
C ILE A 259 -18.64 -3.16 3.07
N PRO A 260 -18.48 -2.33 4.10
CA PRO A 260 -18.23 -0.90 3.88
CA PRO A 260 -18.24 -0.90 3.87
C PRO A 260 -16.88 -0.67 3.24
N PHE A 261 -16.86 0.10 2.15
CA PHE A 261 -15.60 0.44 1.51
C PHE A 261 -15.76 1.69 0.65
N ASN A 262 -14.61 2.23 0.22
CA ASN A 262 -14.55 3.36 -0.69
C ASN A 262 -13.46 3.11 -1.70
N ARG A 263 -13.49 3.90 -2.77
CA ARG A 263 -12.50 3.80 -3.83
C ARG A 263 -12.10 5.20 -4.27
N ILE A 264 -10.88 5.30 -4.78
CA ILE A 264 -10.35 6.57 -5.28
C ILE A 264 -9.18 6.26 -6.17
N THR A 265 -8.95 7.11 -7.16
CA THR A 265 -7.84 6.97 -8.09
C THR A 265 -6.80 8.05 -7.80
N GLN A 266 -5.56 7.60 -7.66
CA GLN A 266 -4.41 8.46 -7.39
C GLN A 266 -3.69 8.72 -8.69
N GLU A 267 -3.35 9.99 -8.94
CA GLU A 267 -2.65 10.37 -10.15
C GLU A 267 -1.25 10.87 -9.81
N ALA A 268 -0.41 10.95 -10.85
CA ALA A 268 0.97 11.37 -10.65
C ALA A 268 1.02 12.70 -9.94
N GLY A 269 1.93 12.81 -8.97
CA GLY A 269 2.09 14.01 -8.19
C GLY A 269 1.22 14.10 -6.95
N GLU A 270 0.52 13.03 -6.61
CA GLU A 270 -0.38 13.00 -5.46
C GLU A 270 0.12 11.99 -4.44
N PHE A 271 -0.03 12.34 -3.16
CA PHE A 271 0.25 11.45 -2.05
C PHE A 271 -1.03 10.75 -1.60
N MET A 272 -0.90 9.50 -1.17
CA MET A 272 -1.94 8.80 -0.43
C MET A 272 -1.36 8.36 0.91
N VAL A 273 -2.17 8.48 1.96
CA VAL A 273 -1.79 8.03 3.30
C VAL A 273 -2.79 6.97 3.72
N THR A 274 -2.30 5.79 4.08
CA THR A 274 -3.17 4.78 4.68
C THR A 274 -2.96 4.83 6.20
N PHE A 275 -4.04 4.66 6.92
CA PHE A 275 -4.04 4.82 8.36
C PHE A 275 -4.04 3.45 9.04
N PRO A 276 -3.69 3.40 10.31
CA PRO A 276 -3.57 2.09 10.99
C PRO A 276 -4.83 1.26 10.88
N TYR A 277 -4.63 0.00 10.50
CA TYR A 277 -5.68 -1.02 10.34
C TYR A 277 -6.67 -0.67 9.24
N GLY A 278 -6.28 0.18 8.30
CA GLY A 278 -7.08 0.42 7.12
C GLY A 278 -6.72 -0.56 6.02
N TYR A 279 -7.55 -1.58 5.81
CA TYR A 279 -7.33 -2.52 4.72
C TYR A 279 -7.45 -1.82 3.37
N HIS A 280 -6.50 -2.11 2.48
CA HIS A 280 -6.55 -1.54 1.14
C HIS A 280 -6.03 -2.53 0.10
N ALA A 281 -6.45 -2.30 -1.14
CA ALA A 281 -6.10 -3.11 -2.30
C ALA A 281 -6.22 -2.19 -3.51
N GLY A 282 -5.69 -2.63 -4.66
CA GLY A 282 -5.85 -1.81 -5.84
C GLY A 282 -5.06 -2.32 -7.03
N PHE A 283 -5.03 -1.49 -8.07
CA PHE A 283 -4.34 -1.84 -9.30
C PHE A 283 -3.81 -0.58 -9.97
N ASN A 284 -2.82 -0.79 -10.84
CA ASN A 284 -2.23 0.27 -11.63
C ASN A 284 -2.84 0.29 -13.05
N HIS A 285 -2.95 1.49 -13.60
CA HIS A 285 -3.60 1.69 -14.89
C HIS A 285 -2.66 1.47 -16.06
N GLY A 286 -1.35 1.58 -15.82
CA GLY A 286 -0.36 1.53 -16.88
C GLY A 286 1.00 1.75 -16.24
N PHE A 287 2.01 1.95 -17.08
CA PHE A 287 3.35 2.12 -16.54
C PHE A 287 3.38 3.27 -15.54
N ASN A 288 3.89 3.01 -14.34
CA ASN A 288 4.10 4.08 -13.38
C ASN A 288 5.19 3.71 -12.39
N CYS A 289 5.54 4.69 -11.56
CA CYS A 289 6.57 4.56 -10.54
C CYS A 289 6.07 5.25 -9.28
N ALA A 290 6.06 4.51 -8.17
CA ALA A 290 5.65 5.04 -6.89
C ALA A 290 6.73 4.77 -5.85
N GLU A 291 6.65 5.53 -4.77
CA GLU A 291 7.56 5.40 -3.63
C GLU A 291 6.70 5.40 -2.38
N ALA A 292 7.04 4.53 -1.42
CA ALA A 292 6.22 4.41 -0.23
C ALA A 292 7.08 4.04 0.96
N ILE A 293 6.60 4.39 2.15
CA ILE A 293 7.27 4.04 3.39
C ILE A 293 6.22 3.96 4.49
N ASN A 294 6.46 3.11 5.48
CA ASN A 294 5.63 3.10 6.67
C ASN A 294 6.11 4.16 7.66
N PHE A 295 5.19 4.64 8.48
CA PHE A 295 5.54 5.56 9.55
C PHE A 295 4.56 5.39 10.70
N ALA A 296 4.91 5.97 11.84
CA ALA A 296 4.10 5.87 13.04
C ALA A 296 3.85 7.25 13.61
N THR A 297 2.80 7.32 14.43
CA THR A 297 2.48 8.48 15.27
C THR A 297 2.16 7.95 16.65
N PRO A 298 2.01 8.83 17.63
CA PRO A 298 1.57 8.36 18.96
C PRO A 298 0.28 7.56 18.91
N ARG A 299 -0.65 7.90 18.01
CA ARG A 299 -1.91 7.17 17.93
C ARG A 299 -1.75 5.73 17.43
N TRP A 300 -0.65 5.42 16.73
CA TRP A 300 -0.47 4.07 16.22
C TRP A 300 -0.15 3.05 17.31
N ILE A 301 0.44 3.47 18.41
CA ILE A 301 0.97 2.53 19.40
CA ILE A 301 0.99 2.49 19.34
C ILE A 301 -0.09 1.51 19.80
N ASP A 302 -1.30 1.99 20.06
CA ASP A 302 -2.37 1.07 20.47
C ASP A 302 -2.70 0.07 19.37
N TYR A 303 -2.62 0.49 18.12
CA TYR A 303 -2.84 -0.44 17.01
C TYR A 303 -1.71 -1.46 16.92
N GLY A 304 -0.46 -1.00 17.11
CA GLY A 304 0.66 -1.92 17.08
C GLY A 304 0.54 -3.03 18.11
N LYS A 305 0.03 -2.70 19.30
CA LYS A 305 -0.12 -3.69 20.36
C LYS A 305 -1.11 -4.78 19.99
N MET A 306 -2.15 -4.42 19.24
CA MET A 306 -3.26 -5.32 18.94
C MET A 306 -3.13 -5.96 17.57
N ALA A 307 -2.11 -5.60 16.80
CA ALA A 307 -2.01 -6.07 15.42
C ALA A 307 -1.91 -7.59 15.36
N SER A 308 -2.66 -8.21 14.47
N SER A 308 -2.72 -8.18 14.49
CA SER A 308 -2.66 -9.66 14.38
CA SER A 308 -2.64 -9.60 14.20
C SER A 308 -1.56 -10.14 13.44
C SER A 308 -1.25 -9.93 13.67
N GLN A 309 -0.84 -11.18 13.88
CA GLN A 309 0.38 -11.67 13.25
C GLN A 309 0.15 -13.00 12.55
N CYS A 310 0.92 -13.22 11.49
CA CYS A 310 1.03 -14.51 10.84
C CYS A 310 2.23 -15.26 11.41
N SER A 311 1.97 -16.42 12.02
CA SER A 311 3.05 -17.25 12.54
CA SER A 311 3.01 -17.28 12.57
C SER A 311 3.20 -18.56 11.76
N CYS A 312 2.60 -18.64 10.58
CA CYS A 312 2.64 -19.87 9.78
C CYS A 312 3.82 -19.91 8.81
N GLY A 313 4.57 -18.82 8.69
CA GLY A 313 5.77 -18.82 7.87
C GLY A 313 5.64 -18.03 6.58
N GLU A 314 4.45 -18.06 6.01
CA GLU A 314 4.27 -17.42 4.76
C GLU A 314 4.52 -15.98 4.66
N ALA A 315 3.99 -15.17 5.53
CA ALA A 315 4.05 -13.80 5.30
C ALA A 315 5.36 -13.14 5.09
N ARG A 316 6.33 -13.47 5.94
CA ARG A 316 7.64 -12.79 5.96
C ARG A 316 7.31 -11.25 6.18
N VAL A 317 7.93 -10.29 5.50
CA VAL A 317 7.53 -8.90 5.79
C VAL A 317 8.11 -7.87 4.85
N THR A 318 7.61 -6.63 4.89
CA THR A 318 8.22 -5.66 4.06
C THR A 318 9.66 -5.38 4.67
N PHE A 319 9.76 -5.20 6.02
CA PHE A 319 10.99 -4.96 6.79
C PHE A 319 10.82 -5.47 8.26
N SER A 320 11.91 -5.68 9.00
CA SER A 320 11.91 -6.28 10.34
C SER A 320 10.90 -5.65 11.28
N MET A 321 9.94 -6.45 11.73
CA MET A 321 9.06 -6.09 12.83
C MET A 321 9.51 -6.70 14.16
N ASP A 322 10.69 -7.34 14.19
CA ASP A 322 11.10 -8.10 15.37
C ASP A 322 11.01 -7.26 16.63
N ALA A 323 11.63 -6.07 16.59
CA ALA A 323 11.70 -5.25 17.79
C ALA A 323 10.32 -4.73 18.17
N PHE A 324 9.48 -4.41 17.18
CA PHE A 324 8.13 -3.95 17.50
CA PHE A 324 8.13 -3.95 17.50
C PHE A 324 7.33 -5.03 18.19
N VAL A 325 7.38 -6.26 17.66
CA VAL A 325 6.69 -7.37 18.30
C VAL A 325 7.27 -7.62 19.69
N ARG A 326 8.60 -7.55 19.81
CA ARG A 326 9.27 -7.88 21.07
C ARG A 326 8.82 -6.96 22.19
N ILE A 327 8.68 -5.66 21.91
CA ILE A 327 8.33 -4.68 22.92
C ILE A 327 6.81 -4.56 23.09
N LEU A 328 6.07 -4.51 21.99
CA LEU A 328 4.64 -4.24 22.07
C LEU A 328 3.80 -5.49 22.31
N GLN A 329 4.28 -6.65 21.87
CA GLN A 329 3.53 -7.91 21.99
C GLN A 329 4.40 -9.01 22.58
N PRO A 330 4.94 -8.78 23.78
CA PRO A 330 5.88 -9.77 24.34
C PRO A 330 5.30 -11.18 24.46
N GLU A 331 4.01 -11.33 24.73
CA GLU A 331 3.44 -12.67 24.80
C GLU A 331 3.58 -13.40 23.47
N ARG A 332 3.35 -12.69 22.36
CA ARG A 332 3.39 -13.34 21.06
C ARG A 332 4.81 -13.60 20.58
N TYR A 333 5.79 -12.88 21.11
CA TYR A 333 7.11 -12.86 20.49
C TYR A 333 7.62 -14.25 20.14
N ASP A 334 7.61 -15.17 21.11
CA ASP A 334 8.15 -16.51 20.88
C ASP A 334 7.44 -17.21 19.72
N LEU A 335 6.10 -17.25 19.76
CA LEU A 335 5.35 -17.92 18.70
C LEU A 335 5.64 -17.31 17.33
N TRP A 336 5.52 -15.98 17.22
CA TRP A 336 5.79 -15.30 15.96
C TRP A 336 7.21 -15.56 15.49
N LYS A 337 8.16 -15.58 16.44
CA LYS A 337 9.55 -15.88 16.11
C LYS A 337 9.68 -17.23 15.42
N ARG A 338 9.15 -18.28 16.05
CA ARG A 338 9.32 -19.63 15.52
C ARG A 338 8.75 -19.76 14.12
N GLY A 339 7.66 -19.06 13.84
CA GLY A 339 7.13 -18.97 12.49
C GLY A 339 7.51 -17.66 11.81
#